data_1QO4
#
_entry.id   1QO4
#
_cell.length_a   46.290
_cell.length_b   74.848
_cell.length_c   80.794
_cell.angle_alpha   90.00
_cell.angle_beta   90.00
_cell.angle_gamma   90.00
#
_symmetry.space_group_name_H-M   'P 21 21 21'
#
loop_
_entity.id
_entity.type
_entity.pdbx_description
1 polymer PEROXIDASE
2 non-polymer 'PROTOPORPHYRIN IX CONTAINING FE'
3 non-polymer 'CALCIUM ION'
4 water water
#
_entity_poly.entity_id   1
_entity_poly.type   'polypeptide(L)'
_entity_poly.pdbx_seq_one_letter_code
;MQLNATFYSGTCPNASAIVRSTIQQALQSDTRIGASLIRLHFHDCFVNGCDASILLDDTGSIQSEKNAGPNVNSARGFNV
VDNIKTALENACPGVVSCSDVLALASEASVSLAGGPSWTVLLGRRDSLTANLAGANSSIPSPIESLSNITFKFSAVGLNT
NDLVALSGAHTFGRARCGVFNNRLFNFSGTGNPDPTLNSTLLSTLQQLCPQNGSASTITNLDLSTPDAFDNNYFANLQSN
DGLLQSDQELFSTTGSSTIAIVTSFASNQTLFFQAFAQSMINMGNISPLTGSNGEIRLDCKKVNGS
;
_entity_poly.pdbx_strand_id   A
#
# COMPACT_ATOMS: atom_id res chain seq x y z
N MET A 1 14.10 17.38 -13.78
CA MET A 1 13.43 17.93 -12.55
C MET A 1 13.35 16.85 -11.46
N GLN A 2 14.09 17.08 -10.39
CA GLN A 2 14.19 16.15 -9.27
C GLN A 2 13.34 16.51 -8.07
N LEU A 3 12.75 15.50 -7.45
CA LEU A 3 11.90 15.67 -6.28
C LEU A 3 12.76 16.09 -5.08
N ASN A 4 12.19 16.91 -4.18
CA ASN A 4 12.91 17.34 -3.00
C ASN A 4 11.96 17.60 -1.83
N ALA A 5 12.50 17.54 -0.62
CA ALA A 5 11.72 17.70 0.60
C ALA A 5 11.24 19.08 1.00
N THR A 6 11.77 20.12 0.40
CA THR A 6 11.35 21.47 0.76
C THR A 6 10.64 22.19 -0.38
N PHE A 7 10.06 21.40 -1.28
CA PHE A 7 9.36 21.92 -2.46
C PHE A 7 8.20 22.89 -2.19
N TYR A 8 7.48 22.65 -1.09
CA TYR A 8 6.34 23.48 -0.71
C TYR A 8 6.70 24.32 0.51
N SER A 9 7.98 24.29 0.86
CA SER A 9 8.45 25.04 2.03
C SER A 9 8.00 26.49 2.08
N GLY A 10 8.12 27.21 0.96
CA GLY A 10 7.72 28.61 0.94
C GLY A 10 6.25 28.90 0.65
N THR A 11 5.53 27.93 0.11
CA THR A 11 4.12 28.13 -0.22
C THR A 11 3.12 27.47 0.74
N CYS A 12 3.50 26.32 1.29
CA CYS A 12 2.64 25.62 2.25
C CYS A 12 3.56 25.07 3.32
N PRO A 13 4.04 25.95 4.21
CA PRO A 13 4.94 25.58 5.29
C PRO A 13 4.44 24.44 6.17
N ASN A 14 3.17 24.51 6.54
CA ASN A 14 2.56 23.51 7.43
C ASN A 14 1.87 22.32 6.76
N ALA A 15 2.13 22.10 5.48
CA ALA A 15 1.50 20.99 4.77
C ALA A 15 1.65 19.66 5.52
N SER A 16 2.86 19.34 5.96
CA SER A 16 3.07 18.09 6.68
C SER A 16 2.15 18.01 7.91
N ALA A 17 1.96 19.16 8.56
CA ALA A 17 1.13 19.25 9.76
C ALA A 17 -0.36 19.01 9.47
N ILE A 18 -0.86 19.68 8.44
CA ILE A 18 -2.26 19.57 8.05
C ILE A 18 -2.61 18.13 7.72
N VAL A 19 -1.75 17.49 6.95
CA VAL A 19 -1.97 16.10 6.55
C VAL A 19 -2.02 15.22 7.78
N ARG A 20 -0.99 15.31 8.62
CA ARG A 20 -0.94 14.50 9.83
C ARG A 20 -2.19 14.71 10.69
N SER A 21 -2.52 15.97 10.92
CA SER A 21 -3.67 16.35 11.72
C SER A 21 -4.97 15.72 11.21
N THR A 22 -5.24 15.87 9.93
CA THR A 22 -6.45 15.33 9.34
C THR A 22 -6.59 13.82 9.51
N ILE A 23 -5.52 13.09 9.16
CA ILE A 23 -5.53 11.64 9.29
C ILE A 23 -5.77 11.22 10.75
N GLN A 24 -5.07 11.84 11.69
CA GLN A 24 -5.22 11.52 13.09
C GLN A 24 -6.66 11.66 13.57
N GLN A 25 -7.46 12.44 12.84
CA GLN A 25 -8.86 12.63 13.17
C GLN A 25 -9.63 11.49 12.54
N ALA A 26 -9.32 11.19 11.27
CA ALA A 26 -10.00 10.10 10.59
C ALA A 26 -9.73 8.80 11.35
N LEU A 27 -8.57 8.73 12.00
CA LEU A 27 -8.19 7.55 12.78
C LEU A 27 -9.05 7.39 14.03
N GLN A 28 -9.89 8.38 14.30
CA GLN A 28 -10.77 8.34 15.46
C GLN A 28 -11.97 7.46 15.16
N SER A 29 -12.38 7.42 13.90
CA SER A 29 -13.53 6.63 13.52
C SER A 29 -13.17 5.47 12.61
N ASP A 30 -11.87 5.32 12.32
CA ASP A 30 -11.43 4.22 11.46
C ASP A 30 -9.94 3.90 11.65
N THR A 31 -9.65 2.95 12.53
CA THR A 31 -8.28 2.53 12.81
C THR A 31 -7.63 1.95 11.55
N ARG A 32 -8.50 1.47 10.66
CA ARG A 32 -8.06 0.87 9.42
C ARG A 32 -7.55 1.87 8.38
N ILE A 33 -8.08 3.10 8.42
CA ILE A 33 -7.71 4.13 7.44
C ILE A 33 -6.21 4.34 7.24
N GLY A 34 -5.42 4.10 8.29
CA GLY A 34 -3.98 4.27 8.16
C GLY A 34 -3.40 3.35 7.13
N ALA A 35 -3.79 2.07 7.18
CA ALA A 35 -3.30 1.08 6.24
C ALA A 35 -3.92 1.25 4.86
N SER A 36 -5.11 1.83 4.80
CA SER A 36 -5.80 2.01 3.53
C SER A 36 -5.18 3.07 2.64
N LEU A 37 -4.75 4.16 3.26
CA LEU A 37 -4.15 5.26 2.54
C LEU A 37 -2.78 4.87 1.96
N ILE A 38 -1.95 4.23 2.77
CA ILE A 38 -0.64 3.82 2.29
C ILE A 38 -0.74 2.86 1.10
N ARG A 39 -1.74 1.98 1.11
CA ARG A 39 -1.91 1.04 0.01
C ARG A 39 -2.23 1.79 -1.29
N LEU A 40 -3.02 2.86 -1.20
CA LEU A 40 -3.40 3.66 -2.37
C LEU A 40 -2.13 4.26 -3.04
N HIS A 41 -1.19 4.68 -2.21
CA HIS A 41 0.06 5.25 -2.68
C HIS A 41 0.84 4.12 -3.37
N PHE A 42 0.74 2.93 -2.81
CA PHE A 42 1.39 1.75 -3.36
C PHE A 42 0.81 1.50 -4.77
N HIS A 43 -0.51 1.38 -4.85
CA HIS A 43 -1.18 1.14 -6.12
C HIS A 43 -1.06 2.27 -7.14
N ASP A 44 -0.71 3.45 -6.65
CA ASP A 44 -0.56 4.59 -7.53
C ASP A 44 0.80 4.57 -8.22
N CYS A 45 1.83 4.31 -7.43
CA CYS A 45 3.17 4.29 -7.96
C CYS A 45 3.49 3.11 -8.89
N PHE A 46 2.80 1.99 -8.69
CA PHE A 46 3.06 0.83 -9.53
C PHE A 46 2.40 0.96 -10.90
N VAL A 47 1.56 1.98 -11.08
CA VAL A 47 0.90 2.16 -12.38
C VAL A 47 1.14 3.56 -12.90
N ASN A 48 1.87 3.66 -14.01
CA ASN A 48 2.19 4.95 -14.62
C ASN A 48 2.93 5.88 -13.66
N GLY A 49 3.65 5.31 -12.72
CA GLY A 49 4.36 6.12 -11.75
C GLY A 49 3.41 6.69 -10.72
N CYS A 50 3.96 7.45 -9.78
CA CYS A 50 3.16 8.04 -8.74
C CYS A 50 2.54 9.33 -9.27
N ASP A 51 1.43 9.22 -9.96
CA ASP A 51 0.78 10.39 -10.55
C ASP A 51 -0.63 10.67 -10.06
N ALA A 52 -1.06 9.98 -9.02
CA ALA A 52 -2.41 10.18 -8.48
C ALA A 52 -3.50 9.83 -9.49
N SER A 53 -3.15 9.02 -10.49
CA SER A 53 -4.11 8.60 -11.53
C SER A 53 -5.16 7.64 -10.97
N ILE A 54 -4.80 6.96 -9.88
CA ILE A 54 -5.69 6.02 -9.22
C ILE A 54 -6.88 6.73 -8.56
N LEU A 55 -6.73 8.04 -8.35
CA LEU A 55 -7.77 8.84 -7.72
C LEU A 55 -8.84 9.34 -8.71
N LEU A 56 -8.50 9.43 -9.98
CA LEU A 56 -9.47 9.89 -10.98
C LEU A 56 -10.68 8.95 -11.07
N ASP A 57 -11.86 9.52 -11.27
CA ASP A 57 -13.10 8.74 -11.39
C ASP A 57 -13.49 8.55 -12.84
N ASP A 58 -14.43 7.64 -13.11
CA ASP A 58 -14.87 7.40 -14.49
C ASP A 58 -15.60 8.63 -15.06
N THR A 59 -15.30 8.92 -16.31
CA THR A 59 -15.93 10.01 -17.05
C THR A 59 -16.04 9.43 -18.44
N GLY A 60 -16.65 10.17 -19.36
CA GLY A 60 -16.81 9.68 -20.72
C GLY A 60 -15.50 9.13 -21.28
N SER A 61 -14.42 9.86 -21.07
CA SER A 61 -13.11 9.45 -21.58
C SER A 61 -12.19 8.76 -20.58
N ILE A 62 -12.34 9.05 -19.29
CA ILE A 62 -11.47 8.41 -18.31
C ILE A 62 -12.05 7.09 -17.82
N GLN A 63 -11.25 6.03 -17.93
CA GLN A 63 -11.64 4.70 -17.49
C GLN A 63 -10.95 4.50 -16.14
N SER A 64 -11.63 4.92 -15.09
CA SER A 64 -11.10 4.85 -13.73
C SER A 64 -10.38 3.57 -13.32
N GLU A 65 -9.20 3.75 -12.73
CA GLU A 65 -8.36 2.65 -12.26
C GLU A 65 -9.05 1.93 -11.09
N LYS A 66 -9.93 2.67 -10.40
CA LYS A 66 -10.67 2.14 -9.27
C LYS A 66 -11.43 0.87 -9.60
N ASN A 67 -11.38 0.43 -10.87
CA ASN A 67 -12.10 -0.78 -11.31
C ASN A 67 -11.20 -1.97 -11.65
N ALA A 68 -9.88 -1.77 -11.63
CA ALA A 68 -8.97 -2.87 -11.94
C ALA A 68 -9.15 -3.93 -10.84
N GLY A 69 -8.82 -5.17 -11.15
CA GLY A 69 -8.97 -6.24 -10.18
C GLY A 69 -8.50 -5.92 -8.77
N PRO A 70 -7.28 -5.38 -8.63
CA PRO A 70 -6.72 -5.04 -7.32
C PRO A 70 -7.53 -4.02 -6.52
N ASN A 71 -8.13 -3.05 -7.21
CA ASN A 71 -8.90 -2.00 -6.56
C ASN A 71 -10.37 -2.24 -6.29
N VAL A 72 -11.05 -2.87 -7.26
CA VAL A 72 -12.48 -3.13 -7.12
C VAL A 72 -12.81 -3.94 -5.87
N ASN A 73 -13.66 -3.35 -5.03
CA ASN A 73 -14.08 -3.95 -3.76
C ASN A 73 -12.91 -4.20 -2.86
N SER A 74 -11.93 -3.29 -2.91
CA SER A 74 -10.74 -3.48 -2.12
C SER A 74 -10.14 -2.14 -1.71
N ALA A 75 -9.87 -1.29 -2.70
CA ALA A 75 -9.31 0.04 -2.46
C ALA A 75 -10.31 0.89 -1.67
N ARG A 76 -9.80 1.69 -0.73
CA ARG A 76 -10.68 2.53 0.08
C ARG A 76 -9.97 3.78 0.62
N GLY A 77 -10.76 4.66 1.23
CA GLY A 77 -10.20 5.86 1.83
C GLY A 77 -10.18 7.11 0.97
N PHE A 78 -10.80 7.03 -0.20
CA PHE A 78 -10.82 8.17 -1.11
C PHE A 78 -11.48 9.40 -0.52
N ASN A 79 -12.49 9.19 0.31
CA ASN A 79 -13.20 10.28 0.96
C ASN A 79 -12.25 11.02 1.91
N VAL A 80 -11.37 10.28 2.58
CA VAL A 80 -10.39 10.88 3.49
C VAL A 80 -9.36 11.65 2.68
N VAL A 81 -8.94 11.11 1.54
CA VAL A 81 -7.99 11.79 0.67
C VAL A 81 -8.54 13.17 0.34
N ASP A 82 -9.85 13.25 0.10
CA ASP A 82 -10.49 14.51 -0.22
C ASP A 82 -10.44 15.44 1.01
N ASN A 83 -10.65 14.89 2.20
CA ASN A 83 -10.63 15.72 3.41
C ASN A 83 -9.25 16.34 3.60
N ILE A 84 -8.23 15.54 3.28
CA ILE A 84 -6.85 15.98 3.37
C ILE A 84 -6.65 17.09 2.34
N LYS A 85 -7.07 16.82 1.11
CA LYS A 85 -6.94 17.78 0.02
C LYS A 85 -7.66 19.10 0.33
N THR A 86 -8.84 19.03 0.95
CA THR A 86 -9.60 20.22 1.30
C THR A 86 -8.87 21.08 2.33
N ALA A 87 -8.40 20.45 3.39
CA ALA A 87 -7.67 21.16 4.42
C ALA A 87 -6.52 21.90 3.77
N LEU A 88 -5.77 21.17 2.93
CA LEU A 88 -4.64 21.74 2.23
C LEU A 88 -5.08 22.87 1.30
N GLU A 89 -6.27 22.74 0.73
CA GLU A 89 -6.80 23.76 -0.18
C GLU A 89 -7.24 25.05 0.51
N ASN A 90 -7.55 24.98 1.80
CA ASN A 90 -7.97 26.17 2.53
C ASN A 90 -6.71 26.87 3.02
N ALA A 91 -5.79 26.08 3.55
CA ALA A 91 -4.55 26.63 4.06
C ALA A 91 -3.63 27.06 2.91
N CYS A 92 -3.64 26.29 1.84
CA CYS A 92 -2.78 26.54 0.69
C CYS A 92 -3.46 26.29 -0.65
N PRO A 93 -4.23 27.27 -1.14
CA PRO A 93 -4.98 27.26 -2.41
C PRO A 93 -4.17 26.83 -3.65
N GLY A 94 -4.70 25.86 -4.38
CA GLY A 94 -4.04 25.35 -5.59
C GLY A 94 -2.56 24.98 -5.53
N VAL A 95 -2.03 24.77 -4.32
CA VAL A 95 -0.60 24.46 -4.15
C VAL A 95 -0.16 22.99 -4.11
N VAL A 96 -0.72 22.21 -3.20
CA VAL A 96 -0.33 20.81 -3.05
C VAL A 96 -1.02 19.86 -4.04
N SER A 97 -0.23 19.04 -4.72
CA SER A 97 -0.77 18.08 -5.71
C SER A 97 -1.28 16.82 -5.02
N CYS A 98 -2.20 16.12 -5.67
CA CYS A 98 -2.74 14.90 -5.08
C CYS A 98 -1.68 13.80 -5.02
N SER A 99 -0.72 13.86 -5.94
CA SER A 99 0.35 12.87 -5.94
C SER A 99 1.11 13.00 -4.64
N ASP A 100 1.58 14.21 -4.36
CA ASP A 100 2.32 14.47 -3.15
C ASP A 100 1.43 14.19 -1.93
N VAL A 101 0.13 14.44 -2.08
CA VAL A 101 -0.82 14.19 -0.98
C VAL A 101 -0.76 12.75 -0.52
N LEU A 102 -0.75 11.81 -1.48
CA LEU A 102 -0.69 10.40 -1.14
C LEU A 102 0.68 10.03 -0.58
N ALA A 103 1.72 10.74 -1.01
CA ALA A 103 3.08 10.48 -0.54
C ALA A 103 3.20 10.95 0.90
N LEU A 104 2.59 12.10 1.19
CA LEU A 104 2.63 12.69 2.53
C LEU A 104 1.75 11.90 3.51
N ALA A 105 0.63 11.40 3.01
CA ALA A 105 -0.31 10.64 3.80
C ALA A 105 0.30 9.30 4.23
N SER A 106 1.04 8.68 3.33
CA SER A 106 1.69 7.40 3.61
C SER A 106 2.64 7.51 4.80
N GLU A 107 3.44 8.58 4.83
CA GLU A 107 4.39 8.80 5.91
C GLU A 107 3.63 9.03 7.22
N ALA A 108 2.64 9.91 7.18
CA ALA A 108 1.83 10.24 8.35
C ALA A 108 1.11 9.00 8.92
N SER A 109 0.59 8.18 8.04
CA SER A 109 -0.10 6.98 8.46
C SER A 109 0.83 6.02 9.19
N VAL A 110 1.98 5.71 8.59
CA VAL A 110 2.97 4.83 9.21
C VAL A 110 3.40 5.44 10.55
N SER A 111 3.66 6.74 10.53
CA SER A 111 4.09 7.45 11.71
C SER A 111 3.12 7.28 12.87
N LEU A 112 1.88 7.73 12.69
CA LEU A 112 0.88 7.63 13.74
C LEU A 112 0.68 6.19 14.23
N ALA A 113 0.88 5.21 13.35
CA ALA A 113 0.70 3.81 13.70
C ALA A 113 1.88 3.28 14.53
N GLY A 114 2.76 4.18 14.97
CA GLY A 114 3.90 3.76 15.77
C GLY A 114 5.16 3.45 14.96
N GLY A 115 5.07 3.59 13.65
CA GLY A 115 6.21 3.33 12.79
C GLY A 115 7.24 4.44 12.60
N PRO A 116 8.20 4.24 11.67
CA PRO A 116 9.24 5.23 11.39
C PRO A 116 8.76 6.50 10.69
N SER A 117 9.64 7.49 10.66
CA SER A 117 9.36 8.75 10.00
C SER A 117 10.47 8.94 8.99
N TRP A 118 10.21 9.72 7.96
CA TRP A 118 11.24 9.95 6.97
C TRP A 118 11.00 11.24 6.22
N THR A 119 12.07 11.82 5.71
CA THR A 119 11.94 13.04 4.94
C THR A 119 11.22 12.67 3.64
N VAL A 120 10.01 13.19 3.49
CA VAL A 120 9.22 12.90 2.30
C VAL A 120 9.58 13.83 1.13
N LEU A 121 9.89 13.23 -0.01
CA LEU A 121 10.25 14.01 -1.19
C LEU A 121 9.00 14.46 -1.94
N LEU A 122 8.89 15.77 -2.12
CA LEU A 122 7.74 16.37 -2.79
C LEU A 122 8.04 16.99 -4.15
N GLY A 123 6.99 17.34 -4.88
CA GLY A 123 7.16 17.93 -6.19
C GLY A 123 6.50 17.17 -7.33
N ARG A 124 5.71 16.15 -6.99
CA ARG A 124 5.01 15.35 -7.99
C ARG A 124 3.79 16.11 -8.50
N ARG A 125 3.48 15.96 -9.78
CA ARG A 125 2.31 16.62 -10.36
C ARG A 125 1.27 15.54 -10.70
N ASP A 126 0.00 15.94 -10.75
CA ASP A 126 -1.12 15.02 -11.01
C ASP A 126 -1.35 14.70 -12.48
N SER A 127 -1.60 13.43 -12.77
CA SER A 127 -1.81 12.97 -14.14
C SER A 127 -3.13 13.45 -14.73
N LEU A 128 -3.24 13.33 -16.06
CA LEU A 128 -4.44 13.73 -16.79
C LEU A 128 -5.20 12.53 -17.33
N THR A 129 -4.74 11.33 -17.00
CA THR A 129 -5.36 10.10 -17.48
C THR A 129 -5.14 8.95 -16.51
N ALA A 130 -5.98 7.92 -16.62
CA ALA A 130 -5.84 6.74 -15.76
C ALA A 130 -5.41 5.55 -16.62
N ASN A 131 -5.05 4.45 -15.97
CA ASN A 131 -4.60 3.25 -16.69
C ASN A 131 -5.16 1.98 -16.07
N LEU A 132 -6.39 1.64 -16.44
CA LEU A 132 -7.06 0.45 -15.91
C LEU A 132 -6.32 -0.83 -16.29
N ALA A 133 -6.01 -0.97 -17.58
CA ALA A 133 -5.32 -2.15 -18.09
C ALA A 133 -3.98 -2.38 -17.37
N GLY A 134 -3.19 -1.32 -17.27
CA GLY A 134 -1.90 -1.38 -16.62
C GLY A 134 -2.03 -1.75 -15.15
N ALA A 135 -3.14 -1.35 -14.54
CA ALA A 135 -3.35 -1.69 -13.14
C ALA A 135 -3.56 -3.20 -13.03
N ASN A 136 -4.17 -3.80 -14.05
CA ASN A 136 -4.41 -5.24 -14.05
C ASN A 136 -3.17 -6.09 -14.31
N SER A 137 -2.18 -5.52 -15.01
CA SER A 137 -0.98 -6.28 -15.31
C SER A 137 0.28 -5.87 -14.53
N SER A 138 0.25 -4.73 -13.86
CA SER A 138 1.42 -4.26 -13.13
C SER A 138 1.42 -4.53 -11.64
N ILE A 139 0.24 -4.59 -11.03
CA ILE A 139 0.15 -4.86 -9.60
C ILE A 139 0.19 -6.36 -9.35
N PRO A 140 1.06 -6.82 -8.43
CA PRO A 140 1.18 -8.24 -8.11
C PRO A 140 -0.02 -8.80 -7.34
N SER A 141 -0.27 -10.09 -7.50
CA SER A 141 -1.37 -10.79 -6.83
C SER A 141 -0.86 -11.67 -5.69
N PRO A 142 -1.62 -11.77 -4.59
CA PRO A 142 -1.19 -12.60 -3.45
C PRO A 142 -0.97 -14.08 -3.74
N ILE A 143 -1.49 -14.57 -4.87
CA ILE A 143 -1.32 -15.98 -5.22
C ILE A 143 -0.25 -16.21 -6.27
N GLU A 144 0.44 -15.13 -6.66
CA GLU A 144 1.50 -15.24 -7.65
C GLU A 144 2.74 -15.80 -6.99
N SER A 145 3.62 -16.40 -7.78
CA SER A 145 4.85 -16.97 -7.24
C SER A 145 5.79 -15.87 -6.72
N LEU A 146 6.68 -16.22 -5.80
CA LEU A 146 7.62 -15.24 -5.28
C LEU A 146 8.46 -14.72 -6.44
N SER A 147 8.61 -15.57 -7.45
CA SER A 147 9.36 -15.26 -8.66
C SER A 147 8.60 -14.25 -9.51
N ASN A 148 7.33 -14.55 -9.75
CA ASN A 148 6.49 -13.66 -10.52
C ASN A 148 6.36 -12.33 -9.83
N ILE A 149 6.17 -12.37 -8.51
CA ILE A 149 6.04 -11.14 -7.74
C ILE A 149 7.33 -10.33 -7.79
N THR A 150 8.46 -11.00 -7.63
CA THR A 150 9.73 -10.29 -7.69
C THR A 150 9.84 -9.53 -9.01
N PHE A 151 9.50 -10.21 -10.10
CA PHE A 151 9.57 -9.61 -11.42
C PHE A 151 8.82 -8.30 -11.57
N LYS A 152 7.55 -8.29 -11.15
CA LYS A 152 6.74 -7.08 -11.24
C LYS A 152 7.35 -5.96 -10.43
N PHE A 153 8.08 -6.31 -9.38
CA PHE A 153 8.73 -5.28 -8.58
C PHE A 153 9.92 -4.70 -9.34
N SER A 154 10.62 -5.54 -10.12
CA SER A 154 11.77 -5.11 -10.90
C SER A 154 11.31 -4.18 -11.99
N ALA A 155 10.14 -4.52 -12.56
CA ALA A 155 9.55 -3.75 -13.63
C ALA A 155 9.28 -2.28 -13.28
N VAL A 156 9.06 -1.98 -12.01
CA VAL A 156 8.81 -0.60 -11.59
C VAL A 156 10.06 0.05 -11.01
N GLY A 157 11.06 -0.78 -10.68
CA GLY A 157 12.30 -0.26 -10.15
C GLY A 157 12.66 -0.61 -8.72
N LEU A 158 11.99 -1.62 -8.15
CA LEU A 158 12.29 -2.03 -6.78
C LEU A 158 12.90 -3.43 -6.76
N ASN A 159 13.94 -3.61 -5.93
CA ASN A 159 14.62 -4.91 -5.82
C ASN A 159 14.11 -5.79 -4.67
N THR A 160 14.75 -6.95 -4.49
CA THR A 160 14.37 -7.90 -3.44
C THR A 160 14.36 -7.27 -2.03
N ASN A 161 15.34 -6.43 -1.75
CA ASN A 161 15.39 -5.76 -0.45
C ASN A 161 14.14 -4.90 -0.33
N ASP A 162 13.86 -4.09 -1.36
CA ASP A 162 12.69 -3.23 -1.35
C ASP A 162 11.42 -4.08 -1.20
N LEU A 163 11.42 -5.25 -1.82
CA LEU A 163 10.28 -6.17 -1.76
C LEU A 163 9.93 -6.63 -0.34
N VAL A 164 10.88 -7.32 0.30
CA VAL A 164 10.65 -7.81 1.63
C VAL A 164 10.29 -6.70 2.61
N ALA A 165 11.03 -5.60 2.53
CA ALA A 165 10.79 -4.47 3.41
C ALA A 165 9.42 -3.83 3.23
N LEU A 166 9.01 -3.59 1.98
CA LEU A 166 7.71 -2.99 1.72
C LEU A 166 6.57 -3.96 2.03
N SER A 167 6.87 -5.25 2.01
CA SER A 167 5.85 -6.26 2.32
C SER A 167 5.49 -6.19 3.81
N GLY A 168 6.32 -5.49 4.58
CA GLY A 168 6.08 -5.35 6.00
C GLY A 168 4.93 -4.40 6.28
N ALA A 169 4.50 -3.65 5.27
CA ALA A 169 3.38 -2.73 5.44
C ALA A 169 2.15 -3.54 5.77
N HIS A 170 2.29 -4.87 5.72
CA HIS A 170 1.16 -5.74 6.03
C HIS A 170 1.10 -5.98 7.53
N THR A 171 1.96 -5.28 8.27
CA THR A 171 2.04 -5.37 9.73
C THR A 171 0.74 -4.86 10.35
N PHE A 172 -0.10 -4.21 9.54
CA PHE A 172 -1.39 -3.73 9.99
C PHE A 172 -2.32 -3.75 8.77
N GLY A 173 -3.60 -3.49 8.98
CA GLY A 173 -4.52 -3.51 7.84
C GLY A 173 -5.36 -4.78 7.73
N ARG A 174 -6.26 -4.80 6.76
CA ARG A 174 -7.15 -5.93 6.57
C ARG A 174 -7.01 -6.58 5.21
N ALA A 175 -7.56 -7.80 5.10
CA ALA A 175 -7.57 -8.58 3.86
C ALA A 175 -8.81 -9.46 3.90
N ARG A 176 -9.50 -9.57 2.76
CA ARG A 176 -10.72 -10.36 2.69
C ARG A 176 -10.48 -11.86 2.46
N CYS A 177 -11.51 -12.66 2.71
CA CYS A 177 -11.42 -14.12 2.53
C CYS A 177 -11.01 -14.50 1.10
N GLY A 178 -11.65 -13.86 0.12
CA GLY A 178 -11.38 -14.14 -1.28
C GLY A 178 -9.93 -14.05 -1.75
N VAL A 179 -9.07 -13.37 -0.99
CA VAL A 179 -7.69 -13.23 -1.41
C VAL A 179 -6.73 -14.26 -0.79
N PHE A 180 -7.27 -15.23 -0.04
CA PHE A 180 -6.40 -16.23 0.57
C PHE A 180 -7.10 -17.56 0.87
N ASN A 181 -8.42 -17.59 0.70
CA ASN A 181 -9.14 -18.82 1.00
C ASN A 181 -8.69 -19.99 0.13
N ASN A 182 -7.91 -19.69 -0.91
CA ASN A 182 -7.43 -20.75 -1.78
C ASN A 182 -6.51 -21.70 -1.00
N ARG A 183 -5.94 -21.22 0.10
CA ARG A 183 -5.03 -22.02 0.91
C ARG A 183 -5.75 -22.78 2.01
N LEU A 184 -7.03 -22.48 2.22
CA LEU A 184 -7.78 -23.10 3.30
C LEU A 184 -8.34 -24.52 3.15
N PHE A 185 -8.73 -24.91 1.93
CA PHE A 185 -9.29 -26.24 1.76
C PHE A 185 -8.59 -27.14 0.76
N ASN A 186 -8.47 -26.66 -0.48
CA ASN A 186 -7.82 -27.40 -1.54
C ASN A 186 -6.84 -26.49 -2.24
N PHE A 187 -5.62 -26.46 -1.70
CA PHE A 187 -4.53 -25.63 -2.20
C PHE A 187 -3.89 -26.20 -3.47
N SER A 188 -4.03 -25.47 -4.57
CA SER A 188 -3.47 -25.82 -5.87
C SER A 188 -3.85 -27.21 -6.35
N GLY A 189 -5.11 -27.58 -6.14
CA GLY A 189 -5.63 -28.87 -6.55
C GLY A 189 -4.95 -30.10 -5.96
N THR A 190 -4.53 -30.02 -4.70
CA THR A 190 -3.85 -31.15 -4.07
C THR A 190 -4.75 -31.90 -3.12
N GLY A 191 -5.95 -31.36 -2.89
CA GLY A 191 -6.89 -31.99 -1.97
C GLY A 191 -6.73 -31.56 -0.53
N ASN A 192 -5.63 -30.87 -0.23
CA ASN A 192 -5.38 -30.41 1.14
C ASN A 192 -5.05 -28.95 1.24
N PRO A 193 -5.04 -28.41 2.47
CA PRO A 193 -4.74 -27.00 2.66
C PRO A 193 -3.25 -26.72 2.51
N ASP A 194 -2.93 -25.45 2.27
CA ASP A 194 -1.54 -25.02 2.10
C ASP A 194 -0.75 -25.49 3.32
N PRO A 195 0.23 -26.38 3.11
CA PRO A 195 1.02 -26.87 4.26
C PRO A 195 1.92 -25.82 4.95
N THR A 196 2.20 -24.70 4.29
CA THR A 196 3.03 -23.66 4.89
C THR A 196 2.22 -22.77 5.84
N LEU A 197 0.93 -23.05 5.96
CA LEU A 197 0.04 -22.29 6.84
C LEU A 197 -0.15 -23.04 8.16
N ASN A 198 0.22 -22.38 9.26
CA ASN A 198 0.11 -22.92 10.63
C ASN A 198 -1.23 -23.64 10.83
N SER A 199 -1.18 -24.80 11.49
CA SER A 199 -2.38 -25.59 11.73
C SER A 199 -3.44 -24.90 12.60
N THR A 200 -3.00 -24.26 13.69
CA THR A 200 -3.93 -23.57 14.57
C THR A 200 -4.68 -22.48 13.80
N LEU A 201 -3.94 -21.64 13.09
CA LEU A 201 -4.53 -20.56 12.31
C LEU A 201 -5.50 -21.12 11.27
N LEU A 202 -5.03 -22.04 10.44
CA LEU A 202 -5.86 -22.65 9.41
C LEU A 202 -7.29 -22.90 9.87
N SER A 203 -7.43 -23.58 11.01
CA SER A 203 -8.76 -23.88 11.54
C SER A 203 -9.62 -22.62 11.75
N THR A 204 -9.03 -21.58 12.35
CA THR A 204 -9.73 -20.33 12.61
C THR A 204 -10.23 -19.68 11.32
N LEU A 205 -9.45 -19.84 10.26
CA LEU A 205 -9.76 -19.26 8.97
C LEU A 205 -10.76 -20.09 8.19
N GLN A 206 -10.78 -21.41 8.43
CA GLN A 206 -11.72 -22.28 7.74
C GLN A 206 -13.13 -21.99 8.25
N GLN A 207 -13.20 -21.46 9.46
CA GLN A 207 -14.46 -21.12 10.07
C GLN A 207 -14.83 -19.70 9.65
N LEU A 208 -13.83 -18.82 9.59
CA LEU A 208 -14.04 -17.43 9.21
C LEU A 208 -14.44 -17.35 7.73
N CYS A 209 -13.88 -18.27 6.95
CA CYS A 209 -14.14 -18.32 5.52
C CYS A 209 -14.61 -19.70 5.04
N PRO A 210 -15.87 -20.05 5.34
CA PRO A 210 -16.37 -21.36 4.89
C PRO A 210 -16.39 -21.41 3.36
N GLN A 211 -16.29 -22.61 2.81
CA GLN A 211 -16.29 -22.79 1.36
C GLN A 211 -17.45 -22.10 0.66
N ASN A 212 -18.61 -22.06 1.30
CA ASN A 212 -19.79 -21.45 0.68
C ASN A 212 -20.15 -20.07 1.22
N GLY A 213 -19.43 -19.62 2.25
CA GLY A 213 -19.70 -18.31 2.83
C GLY A 213 -19.18 -17.15 2.00
N SER A 214 -19.43 -15.94 2.47
CA SER A 214 -19.01 -14.72 1.79
C SER A 214 -17.51 -14.60 1.59
N ALA A 215 -17.12 -14.23 0.38
CA ALA A 215 -15.71 -14.09 0.04
C ALA A 215 -15.20 -12.71 0.46
N SER A 216 -16.09 -11.87 0.96
CA SER A 216 -15.70 -10.53 1.38
C SER A 216 -15.57 -10.29 2.88
N THR A 217 -15.57 -11.37 3.65
CA THR A 217 -15.40 -11.27 5.10
C THR A 217 -13.94 -10.88 5.29
N ILE A 218 -13.64 -9.96 6.20
CA ILE A 218 -12.25 -9.56 6.40
C ILE A 218 -11.64 -10.03 7.71
N THR A 219 -10.32 -9.96 7.77
CA THR A 219 -9.56 -10.31 8.95
C THR A 219 -8.31 -9.45 8.91
N ASN A 220 -7.46 -9.54 9.93
CA ASN A 220 -6.26 -8.74 9.98
C ASN A 220 -5.09 -9.39 9.30
N LEU A 221 -4.28 -8.58 8.63
CA LEU A 221 -3.10 -9.10 7.94
C LEU A 221 -2.11 -9.59 8.97
N ASP A 222 -2.14 -8.93 10.14
CA ASP A 222 -1.25 -9.26 11.26
C ASP A 222 -2.10 -9.63 12.47
N LEU A 223 -2.20 -10.92 12.75
CA LEU A 223 -2.99 -11.40 13.88
C LEU A 223 -2.37 -11.02 15.22
N SER A 224 -1.11 -10.57 15.17
CA SER A 224 -0.36 -10.16 16.35
C SER A 224 -0.81 -8.79 16.85
N THR A 225 -0.59 -7.77 16.03
CA THR A 225 -0.99 -6.41 16.38
C THR A 225 -1.57 -5.79 15.13
N PRO A 226 -2.84 -6.08 14.86
CA PRO A 226 -3.63 -5.61 13.72
C PRO A 226 -3.54 -4.15 13.29
N ASP A 227 -3.28 -3.23 14.22
CA ASP A 227 -3.19 -1.82 13.84
C ASP A 227 -1.87 -1.11 14.16
N ALA A 228 -0.97 -1.79 14.86
CA ALA A 228 0.32 -1.20 15.20
C ALA A 228 1.33 -1.45 14.10
N PHE A 229 2.12 -0.44 13.74
CA PHE A 229 3.13 -0.63 12.71
C PHE A 229 4.44 -1.05 13.37
N ASP A 230 4.64 -2.36 13.48
CA ASP A 230 5.85 -2.90 14.08
C ASP A 230 6.44 -3.97 13.20
N ASN A 231 7.43 -4.69 13.71
CA ASN A 231 8.07 -5.73 12.92
C ASN A 231 7.46 -7.11 13.11
N ASN A 232 6.30 -7.17 13.76
CA ASN A 232 5.64 -8.45 13.98
C ASN A 232 5.30 -9.21 12.71
N TYR A 233 4.95 -8.48 11.65
CA TYR A 233 4.63 -9.13 10.38
C TYR A 233 5.63 -10.24 10.03
N PHE A 234 6.91 -10.00 10.33
CA PHE A 234 7.98 -10.95 10.05
C PHE A 234 8.11 -12.04 11.10
N ALA A 235 7.75 -11.72 12.34
CA ALA A 235 7.80 -12.71 13.40
C ALA A 235 6.72 -13.74 13.03
N ASN A 236 5.58 -13.24 12.57
CA ASN A 236 4.46 -14.10 12.18
C ASN A 236 4.85 -15.09 11.11
N LEU A 237 5.60 -14.62 10.12
CA LEU A 237 6.02 -15.48 9.02
C LEU A 237 6.80 -16.68 9.51
N GLN A 238 7.65 -16.45 10.52
CA GLN A 238 8.47 -17.50 11.10
C GLN A 238 7.64 -18.60 11.75
N SER A 239 6.45 -18.24 12.24
CA SER A 239 5.55 -19.20 12.90
C SER A 239 4.52 -19.75 11.90
N ASN A 240 4.69 -19.37 10.63
CA ASN A 240 3.79 -19.77 9.57
C ASN A 240 2.40 -19.19 9.78
N ASP A 241 2.38 -17.95 10.26
CA ASP A 241 1.14 -17.24 10.49
C ASP A 241 0.93 -16.15 9.44
N GLY A 242 1.67 -16.25 8.35
CA GLY A 242 1.49 -15.28 7.29
C GLY A 242 0.13 -15.54 6.69
N LEU A 243 -0.68 -14.49 6.54
CA LEU A 243 -2.03 -14.65 6.00
C LEU A 243 -2.02 -14.88 4.49
N LEU A 244 -1.55 -13.90 3.74
CA LEU A 244 -1.49 -14.00 2.29
C LEU A 244 -0.44 -15.02 1.85
N GLN A 245 -0.72 -15.71 0.75
CA GLN A 245 0.21 -16.70 0.22
C GLN A 245 1.52 -16.00 -0.15
N SER A 246 1.39 -14.75 -0.61
CA SER A 246 2.55 -13.97 -0.99
C SER A 246 3.35 -13.64 0.24
N ASP A 247 2.70 -13.55 1.39
CA ASP A 247 3.39 -13.25 2.63
C ASP A 247 4.30 -14.39 3.07
N GLN A 248 3.71 -15.56 3.24
CA GLN A 248 4.45 -16.73 3.68
C GLN A 248 5.56 -17.08 2.69
N GLU A 249 5.28 -16.94 1.41
CA GLU A 249 6.28 -17.25 0.38
C GLU A 249 7.61 -16.56 0.66
N LEU A 250 7.57 -15.41 1.31
CA LEU A 250 8.79 -14.65 1.63
C LEU A 250 9.70 -15.39 2.59
N PHE A 251 9.10 -16.28 3.38
CA PHE A 251 9.88 -17.04 4.35
C PHE A 251 9.90 -18.55 4.15
N SER A 252 8.80 -19.13 3.67
CA SER A 252 8.71 -20.57 3.50
C SER A 252 9.06 -21.14 2.14
N THR A 253 9.81 -20.39 1.34
CA THR A 253 10.24 -20.83 0.01
C THR A 253 11.71 -21.19 0.17
N THR A 254 11.98 -22.41 0.63
CA THR A 254 13.35 -22.85 0.85
C THR A 254 14.37 -22.47 -0.22
N GLY A 255 15.54 -21.99 0.22
CA GLY A 255 16.59 -21.63 -0.72
C GLY A 255 16.50 -20.24 -1.32
N SER A 256 15.62 -19.42 -0.76
CA SER A 256 15.41 -18.05 -1.22
C SER A 256 16.22 -17.07 -0.36
N SER A 257 16.65 -15.96 -0.97
CA SER A 257 17.44 -14.95 -0.27
C SER A 257 16.55 -14.09 0.64
N THR A 258 15.26 -14.13 0.38
CA THR A 258 14.31 -13.36 1.15
C THR A 258 14.24 -13.83 2.61
N ILE A 259 14.62 -15.08 2.83
CA ILE A 259 14.60 -15.66 4.16
C ILE A 259 15.48 -14.93 5.18
N ALA A 260 16.68 -14.53 4.76
CA ALA A 260 17.58 -13.84 5.69
C ALA A 260 17.10 -12.43 5.97
N ILE A 261 16.46 -11.81 4.97
CA ILE A 261 15.94 -10.47 5.13
C ILE A 261 14.77 -10.50 6.11
N VAL A 262 13.94 -11.53 5.98
CA VAL A 262 12.80 -11.70 6.87
C VAL A 262 13.30 -11.96 8.29
N THR A 263 14.20 -12.93 8.45
CA THR A 263 14.71 -13.22 9.80
C THR A 263 15.43 -12.02 10.39
N SER A 264 15.95 -11.16 9.51
CA SER A 264 16.66 -9.97 9.97
C SER A 264 15.65 -8.98 10.54
N PHE A 265 14.58 -8.71 9.80
CA PHE A 265 13.56 -7.77 10.24
C PHE A 265 12.81 -8.26 11.48
N ALA A 266 12.58 -9.56 11.55
CA ALA A 266 11.88 -10.12 12.70
C ALA A 266 12.83 -10.13 13.90
N SER A 267 14.13 -10.03 13.65
CA SER A 267 15.13 -10.04 14.72
C SER A 267 15.47 -8.66 15.28
N ASN A 268 15.38 -7.64 14.44
CA ASN A 268 15.70 -6.27 14.83
C ASN A 268 14.74 -5.29 14.15
N GLN A 269 13.94 -4.59 14.96
CA GLN A 269 12.97 -3.63 14.45
C GLN A 269 13.58 -2.35 13.89
N THR A 270 14.77 -1.99 14.35
CA THR A 270 15.43 -0.78 13.86
C THR A 270 15.75 -0.98 12.39
N LEU A 271 16.35 -2.12 12.09
CA LEU A 271 16.73 -2.45 10.73
C LEU A 271 15.52 -2.41 9.81
N PHE A 272 14.44 -3.04 10.21
CA PHE A 272 13.24 -3.06 9.40
C PHE A 272 12.73 -1.65 9.12
N PHE A 273 12.70 -0.82 10.17
CA PHE A 273 12.23 0.55 9.99
C PHE A 273 13.11 1.31 9.02
N GLN A 274 14.42 1.19 9.20
CA GLN A 274 15.36 1.88 8.32
C GLN A 274 15.15 1.44 6.88
N ALA A 275 15.16 0.13 6.66
CA ALA A 275 14.98 -0.41 5.32
C ALA A 275 13.64 0.04 4.76
N PHE A 276 12.59 -0.09 5.55
CA PHE A 276 11.23 0.30 5.13
C PHE A 276 11.18 1.76 4.71
N ALA A 277 11.62 2.64 5.60
CA ALA A 277 11.64 4.08 5.34
C ALA A 277 12.38 4.34 4.04
N GLN A 278 13.47 3.59 3.84
CA GLN A 278 14.29 3.71 2.64
C GLN A 278 13.51 3.29 1.39
N SER A 279 12.94 2.09 1.44
CA SER A 279 12.18 1.54 0.34
C SER A 279 10.91 2.34 0.06
N MET A 280 10.52 3.20 1.00
CA MET A 280 9.33 4.03 0.81
C MET A 280 9.65 5.26 0.00
N ILE A 281 10.87 5.75 0.14
CA ILE A 281 11.30 6.91 -0.62
C ILE A 281 11.48 6.41 -2.06
N ASN A 282 12.13 5.25 -2.19
CA ASN A 282 12.37 4.62 -3.47
C ASN A 282 11.11 4.45 -4.31
N MET A 283 10.05 3.91 -3.71
CA MET A 283 8.79 3.71 -4.40
C MET A 283 8.15 5.05 -4.74
N GLY A 284 8.42 6.06 -3.92
CA GLY A 284 7.85 7.37 -4.18
C GLY A 284 8.54 8.02 -5.36
N ASN A 285 9.76 7.58 -5.64
CA ASN A 285 10.53 8.14 -6.73
C ASN A 285 10.26 7.57 -8.13
N ILE A 286 9.28 6.67 -8.25
CA ILE A 286 8.96 6.07 -9.53
C ILE A 286 8.21 7.02 -10.49
N SER A 287 8.61 7.01 -11.75
CA SER A 287 8.01 7.84 -12.80
C SER A 287 7.15 9.04 -12.40
N PRO A 288 7.73 10.03 -11.70
CA PRO A 288 6.90 11.19 -11.31
C PRO A 288 6.78 12.28 -12.39
N LEU A 289 5.62 12.94 -12.43
CA LEU A 289 5.40 14.02 -13.39
C LEU A 289 5.87 15.33 -12.74
N THR A 290 6.83 15.99 -13.36
CA THR A 290 7.33 17.24 -12.78
C THR A 290 7.45 18.33 -13.84
N GLY A 291 7.73 19.55 -13.38
CA GLY A 291 7.87 20.68 -14.29
C GLY A 291 6.57 21.12 -14.94
N SER A 292 6.51 21.02 -16.26
CA SER A 292 5.31 21.42 -16.97
C SER A 292 4.47 20.20 -17.34
N ASN A 293 4.74 19.08 -16.69
CA ASN A 293 3.99 17.86 -16.96
C ASN A 293 2.92 17.63 -15.91
N GLY A 294 1.74 17.20 -16.35
CA GLY A 294 0.65 16.98 -15.43
C GLY A 294 0.11 18.31 -14.95
N GLU A 295 -0.55 18.31 -13.79
CA GLU A 295 -1.11 19.53 -13.24
C GLU A 295 -1.29 19.35 -11.74
N ILE A 296 -1.92 20.33 -11.12
CA ILE A 296 -2.19 20.28 -9.69
C ILE A 296 -3.71 20.33 -9.53
N ARG A 297 -4.34 19.15 -9.42
CA ARG A 297 -5.78 19.04 -9.25
C ARG A 297 -6.29 19.81 -8.04
N LEU A 298 -7.44 20.46 -8.21
CA LEU A 298 -8.06 21.19 -7.11
C LEU A 298 -8.92 20.14 -6.38
N ASP A 299 -9.41 19.19 -7.16
CA ASP A 299 -10.22 18.08 -6.68
C ASP A 299 -9.50 16.83 -7.17
N CYS A 300 -9.11 15.95 -6.25
CA CYS A 300 -8.38 14.74 -6.65
C CYS A 300 -9.15 13.76 -7.54
N LYS A 301 -10.47 13.78 -7.49
CA LYS A 301 -11.31 12.86 -8.26
C LYS A 301 -11.40 13.15 -9.75
N LYS A 302 -11.06 14.36 -10.16
CA LYS A 302 -11.14 14.70 -11.57
C LYS A 302 -10.11 15.72 -11.98
N VAL A 303 -9.92 15.84 -13.29
CA VAL A 303 -8.97 16.79 -13.86
C VAL A 303 -9.62 18.19 -13.74
N ASN A 304 -8.81 19.24 -13.77
CA ASN A 304 -9.35 20.59 -13.66
C ASN A 304 -10.08 20.90 -14.96
N GLY A 305 -11.01 21.84 -14.91
CA GLY A 305 -11.73 22.21 -16.12
C GLY A 305 -12.90 21.26 -16.41
N SER A 306 -12.91 20.13 -15.71
CA SER A 306 -13.97 19.13 -15.87
C SER A 306 -15.09 19.43 -14.89
#